data_6BN0
#
_entry.id   6BN0
#
_cell.length_a   39.864
_cell.length_b   41.081
_cell.length_c   121.365
_cell.angle_alpha   90.000
_cell.angle_beta   97.870
_cell.angle_gamma   90.000
#
_symmetry.space_group_name_H-M   'P 1 21 1'
#
loop_
_entity.id
_entity.type
_entity.pdbx_description
1 polymer 'Race-specific elicitor A4'
2 branched 2-acetamido-2-deoxy-beta-D-glucopyranose-(1-4)-2-acetamido-2-deoxy-beta-D-glucopyranose-(1-4)-2-acetamido-2-deoxy-beta-D-glucopyranose-(1-4)-2-acetamido-2-deoxy-beta-D-glucopyranose-(1-4)-2-acetamido-2-deoxy-beta-D-glucopyranose-(1-4)-2-acetamido-2-deoxy-beta-D-glucopyranose
3 non-polymer 'CHLORIDE ION'
4 water water
#
_entity_poly.entity_id   1
_entity_poly.type   'polypeptide(L)'
_entity_poly.pdbx_seq_one_letter_code
;QPYNPCKPQEVIDTKCMGPKDCLYPNPDSCTTYIQCVPLDEVGNAKPVVKPCPKGLQWNDNVGKKWCDYPNLSTCPVKT
;
_entity_poly.pdbx_strand_id   A,B,C,D
#
# COMPACT_ATOMS: atom_id res chain seq x y z
N GLN A 1 -25.35 2.42 -1.91
CA GLN A 1 -24.73 3.65 -1.42
C GLN A 1 -23.18 3.60 -1.50
N PRO A 2 -22.52 2.58 -0.93
CA PRO A 2 -21.08 2.45 -1.13
C PRO A 2 -20.75 1.67 -2.40
N TYR A 3 -19.51 1.86 -2.85
CA TYR A 3 -18.98 1.11 -3.97
C TYR A 3 -19.10 -0.39 -3.67
N ASN A 4 -19.62 -1.16 -4.63
CA ASN A 4 -19.91 -2.58 -4.38
C ASN A 4 -19.78 -3.39 -5.66
N PRO A 5 -18.63 -4.00 -5.89
CA PRO A 5 -18.40 -4.73 -7.16
C PRO A 5 -18.81 -6.20 -7.10
N CYS A 6 -19.50 -6.61 -6.05
CA CYS A 6 -19.85 -8.03 -5.81
C CYS A 6 -20.93 -8.43 -6.80
N LYS A 7 -20.56 -9.16 -7.84
CA LYS A 7 -21.57 -9.54 -8.84
C LYS A 7 -22.49 -10.63 -8.31
N PRO A 8 -23.79 -10.42 -8.35
CA PRO A 8 -24.73 -11.37 -7.73
C PRO A 8 -24.58 -12.82 -8.18
N GLN A 9 -24.37 -13.06 -9.47
CA GLN A 9 -24.24 -14.43 -9.93
C GLN A 9 -23.00 -15.08 -9.36
N GLU A 10 -21.93 -14.31 -9.21
CA GLU A 10 -20.73 -14.86 -8.58
C GLU A 10 -21.02 -15.19 -7.13
N VAL A 11 -21.81 -14.36 -6.47
CA VAL A 11 -22.13 -14.63 -5.07
C VAL A 11 -23.00 -15.88 -4.95
N ILE A 12 -24.01 -16.01 -5.81
CA ILE A 12 -24.92 -17.15 -5.74
C ILE A 12 -24.18 -18.44 -6.10
N ASP A 13 -23.30 -18.38 -7.09
CA ASP A 13 -22.71 -19.61 -7.62
C ASP A 13 -21.66 -20.17 -6.66
N THR A 14 -20.79 -19.32 -6.13
CA THR A 14 -19.65 -19.75 -5.35
C THR A 14 -19.89 -19.69 -3.85
N LYS A 15 -20.89 -18.92 -3.43
CA LYS A 15 -21.16 -18.59 -2.03
C LYS A 15 -19.93 -17.94 -1.39
N CYS A 16 -19.05 -17.40 -2.22
CA CYS A 16 -17.81 -16.73 -1.82
C CYS A 16 -16.93 -17.61 -0.91
N MET A 17 -17.02 -18.93 -1.11
CA MET A 17 -16.38 -19.91 -0.24
C MET A 17 -14.95 -20.27 -0.66
N GLY A 18 -14.66 -20.29 -1.96
CA GLY A 18 -13.38 -20.77 -2.44
C GLY A 18 -12.28 -19.71 -2.38
N PRO A 19 -11.05 -20.15 -2.59
CA PRO A 19 -9.88 -19.28 -2.34
C PRO A 19 -9.75 -18.14 -3.31
N LYS A 20 -10.42 -18.18 -4.47
CA LYS A 20 -10.43 -17.05 -5.40
C LYS A 20 -11.81 -16.45 -5.62
N ASP A 21 -12.79 -16.77 -4.80
CA ASP A 21 -14.18 -16.43 -5.08
C ASP A 21 -14.52 -15.04 -4.53
N CYS A 22 -15.19 -14.22 -5.35
CA CYS A 22 -15.75 -12.94 -4.89
C CYS A 22 -14.66 -11.99 -4.42
N LEU A 23 -13.51 -11.97 -5.11
CA LEU A 23 -12.42 -11.05 -4.82
C LEU A 23 -12.25 -10.10 -5.98
N TYR A 24 -12.17 -8.79 -5.70
CA TYR A 24 -12.22 -7.76 -6.73
C TYR A 24 -11.20 -6.68 -6.44
N PRO A 25 -10.80 -5.91 -7.45
CA PRO A 25 -9.89 -4.78 -7.16
C PRO A 25 -10.58 -3.76 -6.27
N ASN A 26 -9.78 -3.06 -5.46
CA ASN A 26 -10.25 -1.86 -4.78
C ASN A 26 -9.88 -0.63 -5.62
N PRO A 27 -10.83 0.16 -6.14
CA PRO A 27 -10.45 1.32 -6.97
C PRO A 27 -9.54 2.32 -6.28
N ASP A 28 -9.60 2.41 -4.96
CA ASP A 28 -8.84 3.44 -4.27
C ASP A 28 -7.36 3.10 -4.11
N SER A 29 -7.00 1.82 -4.23
CA SER A 29 -5.67 1.48 -3.77
C SER A 29 -5.26 0.14 -4.35
N CYS A 30 -3.99 0.03 -4.73
CA CYS A 30 -3.43 -1.18 -5.30
C CYS A 30 -2.96 -2.18 -4.25
N THR A 31 -2.89 -1.79 -2.99
CA THR A 31 -2.39 -2.70 -1.95
C THR A 31 -3.52 -3.29 -1.11
N THR A 32 -4.76 -3.21 -1.60
CA THR A 32 -5.90 -3.80 -0.93
C THR A 32 -6.73 -4.45 -2.01
N TYR A 33 -7.74 -5.20 -1.59
CA TYR A 33 -8.71 -5.75 -2.53
C TYR A 33 -10.06 -5.76 -1.80
N ILE A 34 -11.12 -6.09 -2.54
CA ILE A 34 -12.47 -6.14 -1.97
C ILE A 34 -12.90 -7.60 -1.96
N GLN A 35 -13.38 -8.05 -0.81
CA GLN A 35 -13.92 -9.41 -0.62
C GLN A 35 -15.38 -9.27 -0.24
N CYS A 36 -16.23 -10.07 -0.87
CA CYS A 36 -17.68 -9.99 -0.67
C CYS A 36 -18.14 -10.97 0.40
N VAL A 37 -18.99 -10.52 1.31
CA VAL A 37 -19.57 -11.39 2.33
C VAL A 37 -21.04 -11.59 1.97
N PRO A 38 -21.47 -12.79 1.65
CA PRO A 38 -22.89 -12.98 1.29
C PRO A 38 -23.83 -12.57 2.41
N LEU A 39 -24.93 -11.89 2.05
CA LEU A 39 -25.90 -11.47 3.03
C LEU A 39 -27.21 -12.24 2.93
N ASP A 40 -27.44 -12.93 1.83
CA ASP A 40 -28.69 -13.65 1.64
C ASP A 40 -28.51 -14.63 0.47
N GLU A 41 -29.60 -15.33 0.15
CA GLU A 41 -29.60 -16.36 -0.87
C GLU A 41 -29.67 -15.81 -2.29
N VAL A 42 -29.97 -14.52 -2.46
CA VAL A 42 -30.27 -13.96 -3.77
C VAL A 42 -29.11 -13.16 -4.33
N GLY A 43 -27.93 -13.27 -3.72
CA GLY A 43 -26.73 -12.73 -4.33
C GLY A 43 -26.27 -11.40 -3.77
N ASN A 44 -26.98 -10.84 -2.79
CA ASN A 44 -26.52 -9.60 -2.18
C ASN A 44 -25.37 -9.89 -1.22
N ALA A 45 -24.43 -8.94 -1.16
CA ALA A 45 -23.23 -9.14 -0.39
C ALA A 45 -22.69 -7.81 0.09
N LYS A 46 -21.99 -7.89 1.21
CA LYS A 46 -21.34 -6.73 1.79
C LYS A 46 -19.91 -6.70 1.28
N PRO A 47 -19.47 -5.63 0.63
CA PRO A 47 -18.06 -5.53 0.22
C PRO A 47 -17.18 -5.17 1.41
N VAL A 48 -16.04 -5.85 1.55
CA VAL A 48 -15.12 -5.64 2.64
C VAL A 48 -13.74 -5.33 2.08
N VAL A 49 -13.12 -4.24 2.56
CA VAL A 49 -11.78 -3.92 2.10
C VAL A 49 -10.78 -4.73 2.89
N LYS A 50 -9.87 -5.44 2.17
CA LYS A 50 -8.91 -6.37 2.79
C LYS A 50 -7.45 -6.02 2.42
N PRO A 51 -6.50 -6.14 3.33
CA PRO A 51 -5.14 -5.69 3.01
C PRO A 51 -4.31 -6.75 2.29
N CYS A 52 -3.44 -6.31 1.39
CA CYS A 52 -2.34 -7.17 0.92
C CYS A 52 -1.19 -7.14 1.93
N PRO A 53 -0.33 -8.16 1.94
CA PRO A 53 0.87 -8.12 2.79
C PRO A 53 1.77 -7.02 2.30
N LYS A 54 2.70 -6.60 3.17
CA LYS A 54 3.69 -5.59 2.85
C LYS A 54 4.38 -5.88 1.53
N GLY A 55 4.39 -4.88 0.65
CA GLY A 55 5.16 -4.97 -0.60
C GLY A 55 4.38 -5.51 -1.79
N LEU A 56 3.19 -6.04 -1.57
CA LEU A 56 2.43 -6.74 -2.60
C LEU A 56 1.26 -5.90 -3.07
N GLN A 57 0.78 -6.23 -4.26
CA GLN A 57 -0.31 -5.50 -4.89
C GLN A 57 -1.29 -6.49 -5.50
N TRP A 58 -2.56 -6.08 -5.61
CA TRP A 58 -3.62 -6.96 -6.09
C TRP A 58 -3.32 -7.41 -7.53
N ASN A 59 -3.47 -8.71 -7.78
CA ASN A 59 -3.37 -9.30 -9.12
C ASN A 59 -4.75 -9.84 -9.50
N ASP A 60 -5.50 -9.07 -10.27
CA ASP A 60 -6.87 -9.39 -10.66
C ASP A 60 -6.94 -10.34 -11.84
N ASN A 61 -5.81 -10.82 -12.35
CA ASN A 61 -5.85 -11.66 -13.54
C ASN A 61 -6.58 -12.98 -13.28
N VAL A 62 -7.19 -13.51 -14.33
CA VAL A 62 -7.84 -14.81 -14.25
C VAL A 62 -6.85 -15.84 -13.74
N GLY A 63 -7.29 -16.64 -12.78
CA GLY A 63 -6.43 -17.68 -12.26
C GLY A 63 -5.48 -17.20 -11.19
N LYS A 64 -5.44 -15.90 -10.91
CA LYS A 64 -4.62 -15.32 -9.86
C LYS A 64 -5.50 -14.93 -8.68
N LYS A 65 -6.05 -13.71 -8.70
CA LYS A 65 -6.96 -13.23 -7.65
C LYS A 65 -6.26 -13.32 -6.32
N TRP A 66 -5.08 -12.76 -6.30
CA TRP A 66 -4.28 -12.79 -5.10
C TRP A 66 -3.33 -11.60 -5.09
N CYS A 67 -2.72 -11.36 -3.93
CA CYS A 67 -1.70 -10.32 -3.83
C CYS A 67 -0.37 -10.82 -4.41
N ASP A 68 0.34 -9.94 -5.13
CA ASP A 68 1.47 -10.39 -5.97
C ASP A 68 2.55 -9.32 -5.97
N TYR A 69 3.73 -9.67 -6.51
CA TYR A 69 4.77 -8.67 -6.65
C TYR A 69 4.28 -7.58 -7.60
N PRO A 70 4.68 -6.32 -7.36
CA PRO A 70 4.17 -5.21 -8.22
C PRO A 70 4.35 -5.41 -9.70
N ASN A 71 5.49 -5.93 -10.15
CA ASN A 71 5.67 -6.13 -11.59
C ASN A 71 4.71 -7.17 -12.18
N LEU A 72 3.99 -7.94 -11.36
CA LEU A 72 3.01 -8.89 -11.85
C LEU A 72 1.59 -8.46 -11.52
N SER A 73 1.42 -7.33 -10.84
CA SER A 73 0.09 -6.97 -10.40
C SER A 73 -0.67 -6.28 -11.51
N THR A 74 -1.96 -6.09 -11.30
CA THR A 74 -2.80 -5.36 -12.24
C THR A 74 -3.02 -3.90 -11.80
N CYS A 75 -2.18 -3.38 -10.92
CA CYS A 75 -2.25 -1.97 -10.56
C CYS A 75 -2.22 -1.14 -11.84
N PRO A 76 -3.13 -0.17 -12.01
CA PRO A 76 -3.06 0.68 -13.20
C PRO A 76 -1.87 1.61 -13.22
N VAL A 77 -1.21 1.83 -12.09
CA VAL A 77 -0.03 2.70 -12.01
C VAL A 77 1.22 1.87 -12.22
N LYS A 78 1.95 2.14 -13.32
CA LYS A 78 3.07 1.26 -13.70
C LYS A 78 4.27 2.05 -14.23
N THR A 79 5.28 1.28 -14.65
CA THR A 79 6.59 1.71 -15.15
C THR A 79 7.44 2.23 -14.01
N GLN B 1 -12.36 -37.93 17.01
CA GLN B 1 -11.29 -38.91 16.98
C GLN B 1 -10.32 -38.83 15.77
N PRO B 2 -10.81 -38.55 14.55
CA PRO B 2 -9.87 -38.45 13.42
C PRO B 2 -8.86 -37.32 13.64
N TYR B 3 -7.81 -37.36 12.84
CA TYR B 3 -6.64 -36.50 13.07
C TYR B 3 -7.01 -35.02 12.91
N ASN B 4 -6.59 -34.19 13.86
CA ASN B 4 -6.88 -32.75 13.84
C ASN B 4 -5.71 -32.05 14.53
N PRO B 5 -4.77 -31.49 13.78
CA PRO B 5 -3.65 -30.79 14.40
C PRO B 5 -3.99 -29.36 14.80
N CYS B 6 -5.23 -28.89 14.60
CA CYS B 6 -5.60 -27.49 14.81
C CYS B 6 -5.62 -27.16 16.30
N LYS B 7 -4.64 -26.43 16.81
CA LYS B 7 -4.56 -26.17 18.24
C LYS B 7 -5.47 -25.00 18.60
N PRO B 8 -6.37 -25.16 19.56
CA PRO B 8 -7.36 -24.11 19.81
C PRO B 8 -6.76 -22.77 20.16
N GLN B 9 -5.65 -22.76 20.90
CA GLN B 9 -5.11 -21.46 21.31
C GLN B 9 -4.65 -20.68 20.09
N GLU B 10 -4.06 -21.36 19.11
CA GLU B 10 -3.65 -20.70 17.88
C GLU B 10 -4.87 -20.19 17.08
N VAL B 11 -5.94 -20.98 17.00
CA VAL B 11 -7.18 -20.50 16.38
C VAL B 11 -7.70 -19.26 17.10
N ILE B 12 -7.67 -19.27 18.42
CA ILE B 12 -8.21 -18.17 19.21
C ILE B 12 -7.38 -16.91 19.00
N ASP B 13 -6.06 -17.04 19.06
CA ASP B 13 -5.19 -15.85 19.04
C ASP B 13 -5.07 -15.25 17.65
N THR B 14 -5.19 -16.05 16.59
CA THR B 14 -4.98 -15.55 15.24
C THR B 14 -6.24 -15.48 14.40
N LYS B 15 -7.32 -16.14 14.82
CA LYS B 15 -8.47 -16.38 13.96
C LYS B 15 -8.08 -17.01 12.61
N CYS B 16 -6.93 -17.67 12.54
CA CYS B 16 -6.42 -18.28 11.31
C CYS B 16 -6.41 -17.29 10.13
N MET B 17 -6.22 -16.01 10.43
CA MET B 17 -6.29 -14.96 9.44
CA MET B 17 -6.30 -14.96 9.43
C MET B 17 -4.99 -14.72 8.68
N GLY B 18 -3.85 -14.87 9.35
CA GLY B 18 -2.61 -14.41 8.80
C GLY B 18 -2.00 -15.38 7.82
N PRO B 19 -1.02 -14.90 7.04
CA PRO B 19 -0.42 -15.73 5.96
C PRO B 19 0.30 -16.99 6.41
N LYS B 20 0.71 -17.10 7.70
CA LYS B 20 1.34 -18.35 8.18
C LYS B 20 0.54 -19.02 9.29
N ASP B 21 -0.68 -18.55 9.59
CA ASP B 21 -1.42 -18.98 10.78
C ASP B 21 -2.20 -20.28 10.53
N CYS B 22 -2.23 -21.16 11.53
CA CYS B 22 -3.02 -22.41 11.50
C CYS B 22 -2.70 -23.29 10.29
N LEU B 23 -1.43 -23.40 9.94
CA LEU B 23 -0.97 -24.22 8.84
C LEU B 23 -0.05 -25.31 9.39
N TYR B 24 -0.32 -26.56 9.04
CA TYR B 24 0.36 -27.69 9.64
C TYR B 24 0.81 -28.64 8.54
N PRO B 25 1.83 -29.47 8.81
CA PRO B 25 2.16 -30.53 7.84
C PRO B 25 1.00 -31.54 7.77
N ASN B 26 0.84 -32.13 6.60
CA ASN B 26 -0.01 -33.30 6.44
C ASN B 26 0.83 -34.54 6.69
N PRO B 27 0.62 -35.27 7.79
CA PRO B 27 1.45 -36.47 8.01
C PRO B 27 1.45 -37.46 6.83
N ASP B 28 0.37 -37.53 6.05
CA ASP B 28 0.28 -38.55 5.01
C ASP B 28 0.93 -38.17 3.68
N SER B 29 1.40 -36.92 3.52
CA SER B 29 1.71 -36.39 2.19
C SER B 29 2.57 -35.15 2.33
N CYS B 30 3.70 -35.12 1.62
CA CYS B 30 4.59 -33.97 1.57
C CYS B 30 4.18 -32.93 0.55
N THR B 31 3.22 -33.23 -0.32
CA THR B 31 2.86 -32.32 -1.38
C THR B 31 1.55 -31.60 -1.09
N THR B 32 1.11 -31.64 0.15
CA THR B 32 -0.09 -30.97 0.61
C THR B 32 0.21 -30.43 1.98
N TYR B 33 -0.71 -29.65 2.53
CA TYR B 33 -0.60 -29.21 3.92
C TYR B 33 -2.01 -29.12 4.46
N ILE B 34 -2.09 -28.97 5.77
CA ILE B 34 -3.38 -28.87 6.46
C ILE B 34 -3.59 -27.41 6.84
N GLN B 35 -4.73 -26.83 6.46
CA GLN B 35 -5.11 -25.52 6.96
C GLN B 35 -6.34 -25.63 7.83
N CYS B 36 -6.37 -24.92 8.94
CA CYS B 36 -7.51 -24.98 9.86
C CYS B 36 -8.55 -23.95 9.49
N VAL B 37 -9.81 -24.36 9.43
CA VAL B 37 -10.95 -23.51 9.16
C VAL B 37 -11.74 -23.40 10.47
N PRO B 38 -11.81 -22.23 11.09
CA PRO B 38 -12.55 -22.11 12.35
C PRO B 38 -14.03 -22.46 12.17
N LEU B 39 -14.56 -23.25 13.12
CA LEU B 39 -15.97 -23.59 13.19
C LEU B 39 -16.74 -22.76 14.19
N ASP B 40 -16.08 -22.11 15.15
CA ASP B 40 -16.78 -21.18 16.01
C ASP B 40 -15.83 -20.03 16.35
N GLU B 41 -16.27 -19.16 17.26
CA GLU B 41 -15.45 -18.03 17.68
C GLU B 41 -14.73 -18.33 19.00
N VAL B 42 -14.62 -19.60 19.38
CA VAL B 42 -14.03 -19.89 20.67
C VAL B 42 -12.95 -20.94 20.53
N GLY B 43 -12.40 -21.09 19.32
CA GLY B 43 -11.17 -21.86 19.17
C GLY B 43 -11.28 -23.17 18.44
N ASN B 44 -12.47 -23.67 18.11
CA ASN B 44 -12.58 -24.95 17.44
CA ASN B 44 -12.60 -24.95 17.43
C ASN B 44 -12.57 -24.78 15.92
N ALA B 45 -11.86 -25.67 15.22
CA ALA B 45 -11.59 -25.57 13.79
C ALA B 45 -11.55 -26.95 13.16
N LYS B 46 -11.80 -27.03 11.85
CA LYS B 46 -11.62 -28.34 11.24
C LYS B 46 -10.44 -28.30 10.28
N PRO B 47 -9.75 -29.44 10.09
CA PRO B 47 -8.58 -29.43 9.21
C PRO B 47 -8.93 -29.69 7.77
N VAL B 48 -8.40 -28.86 6.88
CA VAL B 48 -8.66 -28.96 5.44
C VAL B 48 -7.33 -29.27 4.78
N VAL B 49 -7.28 -30.29 3.94
CA VAL B 49 -6.03 -30.58 3.24
C VAL B 49 -5.99 -29.68 2.02
N LYS B 50 -4.87 -28.98 1.82
CA LYS B 50 -4.70 -28.04 0.72
C LYS B 50 -3.51 -28.48 -0.12
N PRO B 51 -3.54 -28.24 -1.42
CA PRO B 51 -2.44 -28.70 -2.28
C PRO B 51 -1.29 -27.72 -2.40
N CYS B 52 -0.06 -28.28 -2.51
CA CYS B 52 1.08 -27.51 -2.99
C CYS B 52 1.05 -27.47 -4.51
N PRO B 53 1.59 -26.41 -5.13
CA PRO B 53 1.78 -26.40 -6.58
C PRO B 53 2.59 -27.60 -6.99
N LYS B 54 2.41 -28.02 -8.25
CA LYS B 54 3.07 -29.22 -8.75
C LYS B 54 4.58 -29.14 -8.60
N GLY B 55 5.18 -30.17 -8.00
CA GLY B 55 6.63 -30.23 -7.80
C GLY B 55 7.13 -29.64 -6.49
N LEU B 56 6.28 -28.98 -5.72
CA LEU B 56 6.68 -28.34 -4.47
C LEU B 56 6.29 -29.22 -3.26
N GLN B 57 6.96 -28.99 -2.13
CA GLN B 57 6.70 -29.76 -0.91
C GLN B 57 6.63 -28.83 0.28
N TRP B 58 5.90 -29.27 1.31
CA TRP B 58 5.66 -28.43 2.46
C TRP B 58 6.96 -28.16 3.23
N ASN B 59 7.11 -26.92 3.68
CA ASN B 59 8.27 -26.44 4.46
C ASN B 59 7.70 -25.92 5.77
N ASP B 60 7.78 -26.73 6.81
CA ASP B 60 7.26 -26.47 8.14
C ASP B 60 8.21 -25.66 8.98
N ASN B 61 9.35 -25.24 8.46
CA ASN B 61 10.29 -24.48 9.26
C ASN B 61 9.66 -23.21 9.78
N VAL B 62 10.23 -22.75 10.89
CA VAL B 62 9.89 -21.49 11.51
C VAL B 62 10.10 -20.38 10.51
N GLY B 63 9.09 -19.54 10.34
CA GLY B 63 9.18 -18.42 9.41
C GLY B 63 8.92 -18.79 7.97
N LYS B 64 8.67 -20.06 7.70
CA LYS B 64 8.40 -20.50 6.33
C LYS B 64 6.91 -20.82 6.26
N LYS B 65 6.52 -22.05 6.55
CA LYS B 65 5.12 -22.46 6.51
C LYS B 65 4.55 -22.19 5.12
N TRP B 66 5.20 -22.78 4.12
CA TRP B 66 4.78 -22.58 2.75
C TRP B 66 5.28 -23.76 1.92
N CYS B 67 4.81 -23.83 0.68
CA CYS B 67 5.25 -24.84 -0.27
C CYS B 67 6.54 -24.39 -0.91
N ASP B 68 7.48 -25.31 -1.09
CA ASP B 68 8.87 -24.91 -1.37
C ASP B 68 9.55 -25.97 -2.23
N TYR B 69 10.73 -25.62 -2.73
CA TYR B 69 11.52 -26.56 -3.50
C TYR B 69 11.79 -27.80 -2.65
N PRO B 70 11.83 -28.99 -3.25
CA PRO B 70 12.04 -30.20 -2.43
C PRO B 70 13.29 -30.17 -1.57
N ASN B 71 14.42 -29.69 -2.10
CA ASN B 71 15.62 -29.62 -1.28
C ASN B 71 15.50 -28.64 -0.11
N LEU B 72 14.48 -27.78 -0.07
CA LEU B 72 14.29 -26.85 1.04
C LEU B 72 13.17 -27.24 2.00
N SER B 73 12.41 -28.28 1.68
CA SER B 73 11.21 -28.62 2.40
C SER B 73 11.55 -29.45 3.62
N THR B 74 10.55 -29.71 4.46
CA THR B 74 10.76 -30.55 5.63
C THR B 74 10.25 -31.98 5.43
N CYS B 75 10.15 -32.45 4.18
CA CYS B 75 9.57 -33.76 3.94
C CYS B 75 10.40 -34.84 4.64
N PRO B 76 9.79 -35.69 5.46
CA PRO B 76 10.55 -36.79 6.10
C PRO B 76 11.18 -37.75 5.12
N VAL B 77 10.66 -37.86 3.91
CA VAL B 77 11.24 -38.73 2.87
C VAL B 77 12.34 -38.01 2.09
N GLN C 1 7.41 6.03 23.56
CA GLN C 1 6.59 4.83 23.42
C GLN C 1 6.28 4.40 21.96
N PRO C 2 5.96 5.33 21.06
CA PRO C 2 5.76 4.93 19.66
C PRO C 2 7.08 4.93 18.89
N TYR C 3 7.08 4.21 17.78
CA TYR C 3 8.22 4.22 16.89
C TYR C 3 8.52 5.65 16.46
N ASN C 4 9.77 6.08 16.55
CA ASN C 4 10.11 7.47 16.25
C ASN C 4 11.53 7.56 15.72
N PRO C 5 11.69 7.59 14.40
CA PRO C 5 13.04 7.61 13.79
C PRO C 5 13.56 9.02 13.57
N CYS C 6 12.92 10.03 14.17
CA CYS C 6 13.27 11.45 13.92
C CYS C 6 14.59 11.77 14.62
N LYS C 7 15.69 11.78 13.89
CA LYS C 7 16.99 12.04 14.54
C LYS C 7 17.09 13.50 14.95
N PRO C 8 17.41 13.78 16.22
CA PRO C 8 17.36 15.17 16.71
C PRO C 8 18.21 16.12 15.90
N GLN C 9 19.40 15.68 15.45
CA GLN C 9 20.30 16.59 14.75
C GLN C 9 19.71 16.97 13.41
N GLU C 10 19.05 16.00 12.76
CA GLU C 10 18.31 16.30 11.54
C GLU C 10 17.25 17.35 11.81
N VAL C 11 16.49 17.19 12.90
CA VAL C 11 15.43 18.14 13.22
C VAL C 11 16.00 19.54 13.47
N ILE C 12 17.06 19.61 14.27
CA ILE C 12 17.65 20.90 14.63
C ILE C 12 18.25 21.59 13.40
N ASP C 13 18.94 20.84 12.55
CA ASP C 13 19.68 21.46 11.45
C ASP C 13 18.79 21.88 10.29
N THR C 14 17.71 21.14 10.02
CA THR C 14 16.87 21.44 8.86
C THR C 14 15.56 22.13 9.23
N LYS C 15 15.17 22.05 10.51
CA LYS C 15 13.84 22.41 10.97
C LYS C 15 12.74 21.65 10.23
N CYS C 16 13.10 20.55 9.57
CA CYS C 16 12.19 19.73 8.76
C CYS C 16 11.46 20.55 7.72
N MET C 17 12.16 21.55 7.20
CA MET C 17 11.64 22.59 6.34
C MET C 17 11.67 22.23 4.88
N GLY C 18 12.73 21.55 4.43
CA GLY C 18 12.99 21.35 3.03
C GLY C 18 12.24 20.16 2.48
N PRO C 19 12.28 20.02 1.15
CA PRO C 19 11.44 19.00 0.51
C PRO C 19 11.86 17.59 0.81
N LYS C 20 13.10 17.37 1.24
CA LYS C 20 13.54 16.02 1.59
C LYS C 20 13.91 15.88 3.07
N ASP C 21 13.58 16.86 3.92
CA ASP C 21 14.05 16.83 5.31
C ASP C 21 13.13 16.01 6.22
N CYS C 22 13.74 15.23 7.13
CA CYS C 22 13.03 14.55 8.23
C CYS C 22 11.96 13.58 7.71
N LEU C 23 12.28 12.92 6.59
CA LEU C 23 11.43 11.91 5.97
C LEU C 23 12.11 10.56 6.10
N TYR C 24 11.38 9.57 6.60
CA TYR C 24 11.95 8.29 6.99
C TYR C 24 11.05 7.16 6.50
N PRO C 25 11.60 5.97 6.31
CA PRO C 25 10.76 4.79 6.06
C PRO C 25 9.78 4.51 7.19
N ASN C 26 8.61 3.98 6.85
CA ASN C 26 7.71 3.37 7.82
C ASN C 26 7.96 1.87 7.88
N PRO C 27 8.39 1.29 9.01
CA PRO C 27 8.67 -0.17 9.00
C PRO C 27 7.44 -1.04 8.73
N ASP C 28 6.24 -0.55 9.02
CA ASP C 28 5.01 -1.35 8.79
C ASP C 28 4.68 -1.49 7.30
N SER C 29 5.12 -0.56 6.44
CA SER C 29 4.53 -0.59 5.10
C SER C 29 5.35 0.23 4.13
N CYS C 30 5.36 -0.23 2.88
CA CYS C 30 6.16 0.40 1.85
C CYS C 30 5.41 1.52 1.12
N THR C 31 4.11 1.64 1.35
CA THR C 31 3.30 2.66 0.68
C THR C 31 3.06 3.89 1.57
N THR C 32 3.78 3.99 2.68
CA THR C 32 3.75 5.17 3.53
C THR C 32 5.17 5.56 3.90
N TYR C 33 5.29 6.70 4.57
CA TYR C 33 6.58 7.16 5.09
C TYR C 33 6.27 7.91 6.39
N ILE C 34 7.31 8.27 7.13
CA ILE C 34 7.17 9.01 8.38
C ILE C 34 7.79 10.37 8.16
N GLN C 35 7.08 11.41 8.55
CA GLN C 35 7.57 12.79 8.46
C GLN C 35 7.58 13.36 9.87
N CYS C 36 8.63 14.12 10.20
CA CYS C 36 8.80 14.62 11.56
C CYS C 36 8.27 16.05 11.66
N VAL C 37 7.53 16.32 12.72
CA VAL C 37 6.97 17.63 13.03
C VAL C 37 7.76 18.16 14.22
N PRO C 38 8.60 19.17 14.04
CA PRO C 38 9.43 19.65 15.15
C PRO C 38 8.57 20.24 16.25
N LEU C 39 8.90 19.87 17.50
CA LEU C 39 8.17 20.35 18.67
C LEU C 39 8.94 21.34 19.54
N ASP C 40 10.26 21.42 19.41
CA ASP C 40 11.07 22.38 20.16
C ASP C 40 12.40 22.60 19.43
N GLU C 41 13.34 23.27 20.09
CA GLU C 41 14.64 23.60 19.51
C GLU C 41 15.73 22.64 19.93
N VAL C 42 15.41 21.63 20.73
CA VAL C 42 16.39 20.62 21.10
C VAL C 42 16.22 19.34 20.31
N GLY C 43 15.44 19.37 19.24
CA GLY C 43 15.37 18.26 18.32
C GLY C 43 14.27 17.25 18.57
N ASN C 44 13.42 17.46 19.57
CA ASN C 44 12.25 16.60 19.72
C ASN C 44 11.24 16.87 18.61
N ALA C 45 10.60 15.80 18.15
CA ALA C 45 9.68 15.91 17.03
C ALA C 45 8.63 14.81 17.14
N LYS C 46 7.48 15.09 16.58
CA LYS C 46 6.40 14.12 16.53
C LYS C 46 6.44 13.42 15.18
N PRO C 47 6.46 12.09 15.15
CA PRO C 47 6.45 11.40 13.87
C PRO C 47 5.04 11.21 13.38
N VAL C 48 4.83 11.43 12.08
CA VAL C 48 3.52 11.34 11.48
C VAL C 48 3.59 10.42 10.28
N VAL C 49 2.67 9.45 10.19
CA VAL C 49 2.65 8.55 9.03
C VAL C 49 1.92 9.22 7.90
N LYS C 50 2.55 9.25 6.71
CA LYS C 50 2.07 9.97 5.54
C LYS C 50 1.90 9.00 4.38
N PRO C 51 0.89 9.17 3.54
CA PRO C 51 0.68 8.19 2.48
C PRO C 51 1.45 8.50 1.20
N CYS C 52 1.90 7.42 0.52
CA CYS C 52 2.29 7.59 -0.88
C CYS C 52 1.06 7.63 -1.79
N PRO C 53 1.15 8.25 -2.97
CA PRO C 53 0.05 8.16 -3.95
C PRO C 53 -0.17 6.70 -4.37
N LYS C 54 -1.35 6.44 -4.93
CA LYS C 54 -1.69 5.11 -5.43
C LYS C 54 -0.58 4.54 -6.29
N GLY C 55 -0.19 3.30 -6.00
CA GLY C 55 0.76 2.56 -6.83
C GLY C 55 2.23 2.82 -6.55
N LEU C 56 2.55 3.76 -5.67
CA LEU C 56 3.92 4.16 -5.41
C LEU C 56 4.41 3.60 -4.08
N GLN C 57 5.73 3.58 -3.90
CA GLN C 57 6.34 3.09 -2.66
C GLN C 57 7.48 4.01 -2.26
N TRP C 58 7.84 3.95 -0.95
CA TRP C 58 8.83 4.88 -0.41
C TRP C 58 10.21 4.60 -0.98
N ASN C 59 10.90 5.64 -1.44
CA ASN C 59 12.25 5.53 -1.98
C ASN C 59 13.16 6.33 -1.05
N ASP C 60 13.88 5.63 -0.20
CA ASP C 60 14.64 6.21 0.89
C ASP C 60 16.07 6.54 0.49
N ASN C 61 16.43 6.31 -0.78
CA ASN C 61 17.79 6.56 -1.26
C ASN C 61 18.18 8.03 -1.07
N VAL C 62 19.48 8.27 -0.88
CA VAL C 62 20.00 9.62 -0.79
C VAL C 62 19.67 10.38 -2.07
N GLY C 63 19.20 11.61 -1.92
CA GLY C 63 18.80 12.41 -3.05
C GLY C 63 17.44 12.07 -3.61
N LYS C 64 16.78 11.06 -3.05
CA LYS C 64 15.42 10.72 -3.43
C LYS C 64 14.45 11.17 -2.34
N LYS C 65 14.23 10.32 -1.33
CA LYS C 65 13.32 10.63 -0.22
C LYS C 65 11.94 11.05 -0.76
N TRP C 66 11.42 10.21 -1.62
CA TRP C 66 10.11 10.50 -2.21
C TRP C 66 9.45 9.17 -2.56
N CYS C 67 8.16 9.25 -2.90
CA CYS C 67 7.44 8.07 -3.36
C CYS C 67 7.76 7.82 -4.82
N ASP C 68 7.94 6.56 -5.18
CA ASP C 68 8.50 6.22 -6.47
C ASP C 68 7.81 4.96 -6.98
N TYR C 69 8.06 4.65 -8.26
CA TYR C 69 7.54 3.40 -8.77
C TYR C 69 8.15 2.23 -7.99
N PRO C 70 7.40 1.13 -7.83
CA PRO C 70 7.91 0.00 -7.02
C PRO C 70 9.31 -0.51 -7.40
N ASN C 71 9.61 -0.69 -8.69
CA ASN C 71 10.93 -1.17 -9.08
C ASN C 71 12.05 -0.19 -8.74
N LEU C 72 11.74 1.06 -8.42
CA LEU C 72 12.76 2.02 -8.02
C LEU C 72 12.79 2.25 -6.53
N SER C 73 11.86 1.65 -5.78
CA SER C 73 11.69 1.96 -4.38
C SER C 73 12.68 1.18 -3.53
N THR C 74 12.76 1.52 -2.24
CA THR C 74 13.62 0.79 -1.30
C THR C 74 12.83 -0.20 -0.44
N CYS C 75 11.63 -0.57 -0.87
CA CYS C 75 10.86 -1.60 -0.18
C CYS C 75 11.70 -2.88 -0.02
N PRO C 76 11.72 -3.47 1.18
CA PRO C 76 12.45 -4.74 1.38
C PRO C 76 11.87 -5.92 0.61
N VAL C 77 10.59 -5.88 0.28
CA VAL C 77 9.92 -6.96 -0.43
C VAL C 77 10.06 -6.72 -1.92
N LYS C 78 10.78 -7.62 -2.62
CA LYS C 78 11.15 -7.41 -4.02
C LYS C 78 11.04 -8.68 -4.85
N THR C 79 11.39 -8.54 -6.13
CA THR C 79 11.28 -9.51 -7.26
C THR C 79 9.82 -9.60 -7.65
N PRO D 2 3.95 42.76 -4.86
CA PRO D 2 4.45 41.70 -5.73
C PRO D 2 3.45 40.59 -6.02
N TYR D 3 3.84 39.76 -6.96
CA TYR D 3 2.92 38.84 -7.62
C TYR D 3 2.62 37.64 -6.73
N ASN D 4 1.33 37.34 -6.53
CA ASN D 4 0.92 36.17 -5.76
C ASN D 4 -0.28 35.54 -6.43
N PRO D 5 -0.12 34.41 -7.12
CA PRO D 5 -1.24 33.74 -7.77
C PRO D 5 -2.05 32.81 -6.88
N CYS D 6 -1.73 32.73 -5.58
CA CYS D 6 -2.36 31.79 -4.67
C CYS D 6 -3.79 32.19 -4.36
N LYS D 7 -4.75 31.43 -4.88
CA LYS D 7 -6.16 31.75 -4.69
C LYS D 7 -6.63 31.29 -3.32
N PRO D 8 -7.13 32.18 -2.45
CA PRO D 8 -7.43 31.78 -1.07
C PRO D 8 -8.34 30.56 -0.94
N GLN D 9 -9.41 30.45 -1.74
CA GLN D 9 -10.32 29.32 -1.54
C GLN D 9 -9.64 28.02 -1.91
N GLU D 10 -8.77 28.05 -2.92
CA GLU D 10 -7.96 26.89 -3.23
C GLU D 10 -7.10 26.51 -2.03
N VAL D 11 -6.43 27.51 -1.43
CA VAL D 11 -5.65 27.28 -0.22
C VAL D 11 -6.53 26.70 0.89
N ILE D 12 -7.73 27.26 1.07
CA ILE D 12 -8.65 26.79 2.11
C ILE D 12 -9.05 25.33 1.86
N ASP D 13 -9.55 25.04 0.65
CA ASP D 13 -10.19 23.75 0.39
C ASP D 13 -9.20 22.60 0.44
N THR D 14 -7.97 22.84 -0.01
CA THR D 14 -7.01 21.75 -0.17
C THR D 14 -5.90 21.74 0.87
N LYS D 15 -5.64 22.86 1.54
CA LYS D 15 -4.44 23.08 2.34
C LYS D 15 -3.16 22.94 1.52
N CYS D 16 -3.26 22.98 0.18
CA CYS D 16 -2.11 22.75 -0.71
C CYS D 16 -1.43 21.41 -0.44
N MET D 17 -2.21 20.41 -0.02
CA MET D 17 -1.69 19.11 0.43
CA MET D 17 -1.64 19.13 0.42
C MET D 17 -1.40 18.17 -0.74
N GLY D 18 -2.33 18.08 -1.70
CA GLY D 18 -2.29 17.06 -2.72
C GLY D 18 -1.23 17.28 -3.78
N PRO D 19 -0.99 16.25 -4.62
CA PRO D 19 0.10 16.32 -5.60
C PRO D 19 -0.10 17.35 -6.72
N LYS D 20 -1.30 17.90 -6.89
CA LYS D 20 -1.51 18.93 -7.90
C LYS D 20 -2.08 20.21 -7.30
N ASP D 21 -2.03 20.36 -5.98
CA ASP D 21 -2.72 21.46 -5.29
C ASP D 21 -1.86 22.72 -5.21
N CYS D 22 -2.48 23.88 -5.47
CA CYS D 22 -1.83 25.20 -5.32
C CYS D 22 -0.57 25.33 -6.18
N LEU D 23 -0.58 24.74 -7.39
CA LEU D 23 0.56 24.83 -8.30
C LEU D 23 0.19 25.75 -9.47
N TYR D 24 1.02 26.75 -9.72
CA TYR D 24 0.71 27.78 -10.72
C TYR D 24 1.88 28.01 -11.65
N PRO D 25 1.62 28.47 -12.89
CA PRO D 25 2.73 28.84 -13.78
C PRO D 25 3.51 30.00 -13.18
N ASN D 26 4.79 30.06 -13.49
CA ASN D 26 5.56 31.26 -13.22
C ASN D 26 5.58 32.10 -14.49
N PRO D 27 4.93 33.26 -14.52
CA PRO D 27 4.92 34.04 -15.78
C PRO D 27 6.29 34.50 -16.26
N ASP D 28 7.32 34.40 -15.40
CA ASP D 28 8.66 34.85 -15.77
C ASP D 28 9.50 33.78 -16.45
N SER D 29 9.21 32.49 -16.22
CA SER D 29 10.01 31.45 -16.86
C SER D 29 9.22 30.15 -16.93
N CYS D 30 9.46 29.40 -17.99
CA CYS D 30 8.79 28.13 -18.23
C CYS D 30 9.47 26.95 -17.54
N THR D 31 10.70 27.12 -17.05
CA THR D 31 11.48 26.07 -16.43
C THR D 31 11.32 26.05 -14.91
N THR D 32 10.36 26.81 -14.39
CA THR D 32 10.00 26.81 -12.98
C THR D 32 8.48 26.79 -12.87
N TYR D 33 7.99 26.75 -11.63
CA TYR D 33 6.57 26.91 -11.33
C TYR D 33 6.45 27.56 -9.96
N ILE D 34 5.23 27.95 -9.59
CA ILE D 34 4.96 28.57 -8.30
C ILE D 34 4.09 27.62 -7.46
N GLN D 35 4.58 27.29 -6.25
CA GLN D 35 3.82 26.50 -5.30
C GLN D 35 3.45 27.38 -4.11
N CYS D 36 2.21 27.28 -3.66
CA CYS D 36 1.74 28.14 -2.58
C CYS D 36 2.01 27.48 -1.25
N VAL D 37 2.61 28.24 -0.33
CA VAL D 37 2.86 27.79 1.04
C VAL D 37 1.89 28.54 1.95
N PRO D 38 0.91 27.85 2.55
CA PRO D 38 -0.06 28.54 3.39
C PRO D 38 0.61 29.24 4.55
N LEU D 39 0.14 30.46 4.83
CA LEU D 39 0.71 31.27 5.88
C LEU D 39 -0.19 31.35 7.09
N ASP D 40 -1.50 31.15 6.91
CA ASP D 40 -2.46 31.20 7.99
C ASP D 40 -3.64 30.32 7.62
N GLU D 41 -4.78 30.54 8.27
CA GLU D 41 -5.94 29.68 8.13
C GLU D 41 -7.07 30.31 7.33
N VAL D 42 -6.91 31.54 6.83
CA VAL D 42 -7.95 32.20 6.04
C VAL D 42 -7.54 32.24 4.55
N GLY D 43 -6.55 31.45 4.16
CA GLY D 43 -6.23 31.26 2.76
C GLY D 43 -5.04 32.04 2.26
N ASN D 44 -4.39 32.84 3.09
CA ASN D 44 -3.22 33.55 2.63
C ASN D 44 -2.07 32.57 2.48
N ALA D 45 -1.30 32.76 1.43
CA ALA D 45 -0.18 31.88 1.14
C ALA D 45 0.92 32.71 0.51
N LYS D 46 2.09 32.13 0.50
CA LYS D 46 3.28 32.70 -0.04
C LYS D 46 3.66 31.90 -1.27
N PRO D 47 3.87 32.54 -2.42
CA PRO D 47 4.28 31.83 -3.63
C PRO D 47 5.78 31.58 -3.57
N VAL D 48 6.18 30.31 -3.72
CA VAL D 48 7.59 29.98 -3.82
C VAL D 48 7.85 29.49 -5.23
N VAL D 49 8.93 29.97 -5.84
CA VAL D 49 9.29 29.47 -7.16
C VAL D 49 10.01 28.13 -7.00
N LYS D 50 9.49 27.10 -7.69
CA LYS D 50 10.16 25.82 -7.60
C LYS D 50 10.73 25.42 -8.97
N PRO D 51 11.83 24.68 -9.01
CA PRO D 51 12.48 24.39 -10.29
C PRO D 51 12.01 23.11 -10.96
N CYS D 52 11.98 23.15 -12.28
CA CYS D 52 11.77 21.92 -13.03
C CYS D 52 13.10 21.22 -13.28
N PRO D 53 13.14 19.89 -13.42
CA PRO D 53 14.38 19.22 -13.84
C PRO D 53 14.86 19.76 -15.19
N LYS D 54 16.18 19.68 -15.40
CA LYS D 54 16.77 20.22 -16.63
C LYS D 54 16.19 19.54 -17.86
N GLY D 55 15.78 20.37 -18.84
CA GLY D 55 15.18 19.90 -20.07
C GLY D 55 13.67 19.81 -20.08
N LEU D 56 13.01 20.12 -18.96
CA LEU D 56 11.57 20.02 -18.83
C LEU D 56 10.98 21.39 -18.53
N GLN D 57 9.72 21.57 -18.89
CA GLN D 57 9.00 22.83 -18.72
C GLN D 57 7.62 22.59 -18.16
N TRP D 58 7.05 23.64 -17.57
CA TRP D 58 5.81 23.52 -16.82
C TRP D 58 4.65 23.18 -17.75
N ASN D 59 3.80 22.26 -17.32
CA ASN D 59 2.59 21.86 -18.05
C ASN D 59 1.42 22.20 -17.13
N ASP D 60 0.70 23.28 -17.44
CA ASP D 60 -0.39 23.78 -16.61
C ASP D 60 -1.72 23.15 -16.98
N ASN D 61 -1.71 22.18 -17.90
CA ASN D 61 -2.95 21.57 -18.37
C ASN D 61 -3.69 20.88 -17.21
N VAL D 62 -4.99 20.71 -17.40
CA VAL D 62 -5.82 20.05 -16.41
C VAL D 62 -5.38 18.59 -16.24
N GLY D 63 -5.23 18.16 -14.99
CA GLY D 63 -4.74 16.83 -14.69
C GLY D 63 -3.24 16.65 -14.85
N LYS D 64 -2.51 17.71 -15.20
CA LYS D 64 -1.07 17.62 -15.37
C LYS D 64 -0.45 18.35 -14.19
N LYS D 65 -0.18 19.65 -14.30
CA LYS D 65 0.41 20.44 -13.23
C LYS D 65 1.73 19.80 -12.79
N TRP D 66 2.60 19.59 -13.76
CA TRP D 66 3.90 18.98 -13.51
C TRP D 66 4.88 19.44 -14.59
N CYS D 67 6.16 19.15 -14.35
CA CYS D 67 7.20 19.42 -15.32
C CYS D 67 7.19 18.35 -16.41
N ASP D 68 7.22 18.77 -17.67
CA ASP D 68 6.97 17.87 -18.80
C ASP D 68 7.94 18.20 -19.92
N TYR D 69 8.09 17.28 -20.86
CA TYR D 69 8.87 17.56 -22.04
C TYR D 69 8.34 18.85 -22.66
N PRO D 70 9.23 19.70 -23.18
CA PRO D 70 8.78 20.98 -23.77
C PRO D 70 7.65 20.84 -24.78
N ASN D 71 7.68 19.79 -25.63
CA ASN D 71 6.65 19.66 -26.65
C ASN D 71 5.26 19.47 -26.07
N LEU D 72 5.14 19.12 -24.78
CA LEU D 72 3.84 19.01 -24.13
C LEU D 72 3.58 20.12 -23.12
N SER D 73 4.53 21.02 -22.91
CA SER D 73 4.37 22.07 -21.92
C SER D 73 3.36 23.11 -22.43
N THR D 74 2.98 24.00 -21.52
CA THR D 74 2.15 25.16 -21.83
C THR D 74 2.96 26.45 -21.87
N CYS D 75 4.20 26.35 -22.32
CA CYS D 75 5.07 27.52 -22.36
C CYS D 75 4.61 28.46 -23.46
N PRO D 76 4.40 29.75 -23.17
CA PRO D 76 3.94 30.68 -24.22
C PRO D 76 4.89 30.85 -25.41
N VAL D 77 6.16 30.50 -25.26
CA VAL D 77 7.08 30.55 -26.40
C VAL D 77 7.32 29.14 -26.96
#